data_8RFC
#
_entry.id   8RFC
#
_cell.length_a   36.827
_cell.length_b   36.827
_cell.length_c   142.100
_cell.angle_alpha   90.00
_cell.angle_beta   90.00
_cell.angle_gamma   90.00
#
_symmetry.space_group_name_H-M   'P 43 21 2'
#
loop_
_entity.id
_entity.type
_entity.pdbx_description
1 polymer 'Host translation inhibitor nsp1'
2 non-polymer (1~{R})-1-(4-bromophenyl)ethanamine
3 water water
#
_entity_poly.entity_id   1
_entity_poly.type   'polypeptide(L)'
_entity_poly.pdbx_seq_one_letter_code
;MEKTHVQLSLPVLQVRDVLVRGFGDSVEEVLSEARQHLKDGTCGLVEVEKGVLPQLEQPYVFIKRSDARTAPHGHVMVEL
VAELEGIQYGRSGETLGVLVPHVGEIPVAYRKVLLRKN
;
_entity_poly.pdbx_strand_id   A
#
loop_
_chem_comp.id
_chem_comp.type
_chem_comp.name
_chem_comp.formula
A1H0N non-polymer (1~{R})-1-(4-bromophenyl)ethanamine 'C8 H10 Br N'
#
# COMPACT_ATOMS: atom_id res chain seq x y z
N MET A 1 12.72 14.33 -13.43
CA MET A 1 12.52 14.54 -11.97
C MET A 1 11.17 13.96 -11.55
N GLU A 2 11.09 13.47 -10.33
CA GLU A 2 9.84 12.89 -9.81
C GLU A 2 8.87 14.01 -9.41
N LYS A 3 7.61 13.86 -9.74
CA LYS A 3 6.60 14.86 -9.31
C LYS A 3 6.15 14.55 -7.87
N THR A 4 5.42 15.46 -7.25
CA THR A 4 4.98 15.24 -5.86
C THR A 4 4.00 14.09 -5.80
N HIS A 5 3.27 13.84 -6.87
CA HIS A 5 2.26 12.77 -6.89
C HIS A 5 2.37 12.02 -8.23
N VAL A 6 2.15 10.71 -8.17
CA VAL A 6 2.22 9.89 -9.39
C VAL A 6 0.97 9.02 -9.50
N GLN A 7 0.39 8.96 -10.69
CA GLN A 7 -0.74 8.09 -10.94
C GLN A 7 -0.26 6.66 -11.10
N LEU A 8 -0.88 5.77 -10.35
CA LEU A 8 -0.55 4.36 -10.47
C LEU A 8 -1.84 3.55 -10.47
N SER A 9 -1.80 2.40 -11.13
CA SER A 9 -2.88 1.41 -11.04
CA SER A 9 -2.88 1.41 -11.04
C SER A 9 -2.31 0.18 -10.35
N LEU A 10 -2.78 -0.07 -9.12
CA LEU A 10 -2.20 -1.15 -8.34
C LEU A 10 -3.01 -2.43 -8.45
N PRO A 11 -2.36 -3.58 -8.64
CA PRO A 11 -3.10 -4.85 -8.66
C PRO A 11 -3.59 -5.18 -7.25
N VAL A 12 -4.87 -5.53 -7.13
CA VAL A 12 -5.49 -5.93 -5.87
C VAL A 12 -5.37 -7.45 -5.78
N LEU A 13 -4.75 -7.93 -4.70
CA LEU A 13 -4.48 -9.35 -4.53
C LEU A 13 -5.32 -9.91 -3.40
N GLN A 14 -5.70 -11.18 -3.52
CA GLN A 14 -6.31 -11.87 -2.40
CA GLN A 14 -6.31 -11.92 -2.43
C GLN A 14 -5.22 -12.33 -1.45
N VAL A 15 -5.51 -12.19 -0.15
CA VAL A 15 -4.46 -12.41 0.84
C VAL A 15 -3.86 -13.80 0.73
N ARG A 16 -4.69 -14.82 0.48
CA ARG A 16 -4.16 -16.19 0.45
C ARG A 16 -3.28 -16.47 -0.74
N ASP A 17 -3.28 -15.61 -1.76
CA ASP A 17 -2.39 -15.78 -2.90
C ASP A 17 -1.02 -15.11 -2.69
N VAL A 18 -0.91 -14.20 -1.73
CA VAL A 18 0.34 -13.39 -1.60
C VAL A 18 1.53 -14.28 -1.20
N LEU A 19 2.60 -14.21 -1.98
CA LEU A 19 3.79 -15.04 -1.68
C LEU A 19 4.73 -14.33 -0.70
N VAL A 20 4.91 -13.02 -0.84
CA VAL A 20 5.86 -12.25 0.03
C VAL A 20 4.94 -11.35 0.87
N ARG A 21 4.81 -11.65 2.16
CA ARG A 21 3.70 -11.04 2.96
C ARG A 21 4.08 -9.73 3.67
N GLY A 22 5.18 -9.12 3.28
CA GLY A 22 5.54 -7.82 3.83
C GLY A 22 6.80 -7.31 3.15
N PHE A 23 7.24 -6.13 3.54
CA PHE A 23 8.36 -5.48 2.91
C PHE A 23 9.63 -5.48 3.75
N GLY A 24 9.59 -6.00 4.96
CA GLY A 24 10.81 -5.87 5.76
C GLY A 24 10.57 -5.97 7.24
N ASP A 25 11.58 -5.54 8.01
CA ASP A 25 11.56 -5.84 9.46
C ASP A 25 11.50 -4.62 10.36
N SER A 26 11.49 -3.42 9.80
CA SER A 26 11.43 -2.19 10.60
C SER A 26 10.51 -1.20 9.88
N VAL A 27 9.98 -0.25 10.62
CA VAL A 27 9.12 0.76 10.02
C VAL A 27 9.84 1.48 8.89
N GLU A 28 11.09 1.90 9.14
CA GLU A 28 11.82 2.64 8.12
C GLU A 28 12.07 1.77 6.89
N GLU A 29 12.39 0.50 7.09
CA GLU A 29 12.67 -0.39 5.95
C GLU A 29 11.38 -0.63 5.14
N VAL A 30 10.26 -0.88 5.80
CA VAL A 30 9.05 -1.23 5.00
C VAL A 30 8.59 -0.01 4.18
N LEU A 31 8.69 1.20 4.75
CA LEU A 31 8.31 2.38 3.98
C LEU A 31 9.24 2.56 2.79
N SER A 32 10.54 2.36 3.01
CA SER A 32 11.52 2.49 1.94
C SER A 32 11.28 1.49 0.82
N GLU A 33 11.13 0.22 1.19
CA GLU A 33 10.92 -0.82 0.19
C GLU A 33 9.59 -0.65 -0.52
N ALA A 34 8.54 -0.28 0.21
CA ALA A 34 7.23 -0.05 -0.46
C ALA A 34 7.39 1.02 -1.53
N ARG A 35 8.06 2.13 -1.18
CA ARG A 35 8.20 3.25 -2.14
C ARG A 35 9.00 2.78 -3.37
N GLN A 36 10.05 2.01 -3.11
CA GLN A 36 10.82 1.48 -4.27
CA GLN A 36 10.82 1.48 -4.27
C GLN A 36 10.01 0.53 -5.22
N HIS A 37 9.25 -0.36 -4.57
CA HIS A 37 8.41 -1.28 -5.39
C HIS A 37 7.31 -0.50 -6.11
N LEU A 38 6.80 0.57 -5.50
CA LEU A 38 5.79 1.39 -6.19
C LEU A 38 6.41 2.03 -7.44
N LYS A 39 7.63 2.53 -7.35
CA LYS A 39 8.32 3.12 -8.52
C LYS A 39 8.59 2.06 -9.59
N ASP A 40 8.90 0.83 -9.18
CA ASP A 40 9.28 -0.25 -10.13
C ASP A 40 8.06 -0.97 -10.72
N GLY A 41 6.86 -0.70 -10.22
CA GLY A 41 5.65 -1.41 -10.68
C GLY A 41 5.53 -2.82 -10.15
N THR A 42 6.09 -3.07 -8.97
CA THR A 42 6.08 -4.40 -8.38
C THR A 42 5.45 -4.37 -6.99
N CYS A 43 4.37 -3.59 -6.81
CA CYS A 43 3.66 -3.48 -5.56
C CYS A 43 2.19 -3.82 -5.77
N GLY A 44 1.67 -4.66 -4.87
CA GLY A 44 0.24 -4.99 -4.90
C GLY A 44 -0.48 -4.44 -3.69
N LEU A 45 -1.80 -4.57 -3.69
CA LEU A 45 -2.62 -4.02 -2.59
C LEU A 45 -3.57 -5.13 -2.12
N VAL A 46 -3.68 -5.29 -0.80
CA VAL A 46 -4.68 -6.24 -0.24
C VAL A 46 -5.71 -5.42 0.53
N GLU A 47 -6.98 -5.57 0.16
CA GLU A 47 -8.01 -4.89 0.92
C GLU A 47 -8.19 -5.53 2.29
N VAL A 48 -8.38 -4.67 3.28
CA VAL A 48 -8.47 -5.14 4.68
C VAL A 48 -9.88 -5.56 5.06
N GLU A 49 -10.03 -6.82 5.43
CA GLU A 49 -11.24 -7.38 5.97
C GLU A 49 -10.83 -8.17 7.22
N LYS A 50 -11.81 -8.61 8.00
CA LYS A 50 -11.52 -9.48 9.13
C LYS A 50 -10.67 -10.66 8.67
N GLY A 51 -9.60 -10.95 9.41
CA GLY A 51 -8.73 -12.06 9.11
C GLY A 51 -7.52 -11.70 8.27
N VAL A 52 -7.49 -10.53 7.63
CA VAL A 52 -6.44 -10.24 6.68
C VAL A 52 -5.13 -9.92 7.38
N LEU A 53 -5.12 -8.93 8.26
CA LEU A 53 -3.82 -8.49 8.85
C LEU A 53 -3.10 -9.64 9.57
N PRO A 54 -3.77 -10.54 10.32
CA PRO A 54 -3.02 -11.64 10.93
C PRO A 54 -2.38 -12.57 9.96
N GLN A 55 -2.78 -12.56 8.68
CA GLN A 55 -2.17 -13.38 7.66
C GLN A 55 -1.02 -12.67 6.95
N LEU A 56 -0.76 -11.43 7.33
CA LEU A 56 0.35 -10.66 6.73
C LEU A 56 1.40 -10.38 7.79
N GLU A 57 2.57 -9.94 7.36
CA GLU A 57 3.69 -9.74 8.27
CA GLU A 57 3.69 -9.74 8.27
C GLU A 57 3.85 -8.28 8.68
N GLN A 58 4.08 -8.06 9.96
CA GLN A 58 4.41 -6.72 10.43
C GLN A 58 5.88 -6.41 10.28
N PRO A 59 6.30 -5.13 10.21
CA PRO A 59 5.41 -3.99 10.11
C PRO A 59 4.57 -3.91 8.85
N TYR A 60 3.38 -3.36 8.98
CA TYR A 60 2.47 -3.20 7.82
C TYR A 60 2.67 -1.85 7.17
N VAL A 61 2.47 -1.78 5.85
CA VAL A 61 2.46 -0.48 5.14
C VAL A 61 1.03 -0.32 4.60
N PHE A 62 0.35 0.72 5.07
CA PHE A 62 -1.00 1.01 4.56
C PHE A 62 -1.00 2.17 3.60
N ILE A 63 -1.89 2.13 2.61
CA ILE A 63 -2.13 3.34 1.78
C ILE A 63 -3.41 3.91 2.37
N LYS A 64 -3.36 5.20 2.71
CA LYS A 64 -4.52 5.88 3.33
C LYS A 64 -4.90 7.12 2.52
N ARG A 65 -6.18 7.46 2.59
CA ARG A 65 -6.68 8.60 1.78
C ARG A 65 -6.13 9.92 2.35
N SER A 66 -5.52 10.73 1.50
CA SER A 66 -4.85 11.98 1.98
C SER A 66 -5.70 13.21 1.77
N ASP A 67 -6.71 13.10 0.94
CA ASP A 67 -7.56 14.27 0.63
C ASP A 67 -8.96 13.75 0.31
N ALA A 68 -9.94 14.20 1.07
CA ALA A 68 -11.33 13.75 0.83
C ALA A 68 -12.09 14.80 0.02
N ARG A 69 -11.41 15.81 -0.52
CA ARG A 69 -12.21 16.87 -1.20
C ARG A 69 -12.35 16.57 -2.69
N THR A 70 -11.27 16.11 -3.32
CA THR A 70 -11.39 15.69 -4.73
C THR A 70 -10.50 14.50 -4.98
N ALA A 71 -10.93 13.63 -5.88
CA ALA A 71 -10.09 12.50 -6.33
C ALA A 71 -9.81 12.70 -7.80
N PRO A 72 -8.67 13.27 -8.19
CA PRO A 72 -8.47 13.52 -9.60
C PRO A 72 -8.57 12.33 -10.57
N HIS A 73 -9.28 12.46 -11.68
CA HIS A 73 -9.34 11.43 -12.73
C HIS A 73 -9.66 10.04 -12.20
N GLY A 74 -10.43 9.94 -11.12
CA GLY A 74 -10.71 8.67 -10.51
C GLY A 74 -9.59 8.06 -9.70
N HIS A 75 -8.41 8.69 -9.71
CA HIS A 75 -7.28 8.24 -8.87
C HIS A 75 -7.40 8.87 -7.46
N VAL A 76 -7.69 8.07 -6.44
CA VAL A 76 -7.78 8.57 -5.04
C VAL A 76 -6.40 9.05 -4.60
N MET A 77 -6.31 10.25 -4.04
CA MET A 77 -5.01 10.75 -3.49
CA MET A 77 -5.00 10.72 -3.48
C MET A 77 -4.64 10.00 -2.16
N VAL A 78 -3.44 9.45 -2.16
CA VAL A 78 -3.09 8.56 -1.02
C VAL A 78 -1.68 8.80 -0.51
N GLU A 79 -1.46 8.46 0.74
CA GLU A 79 -0.08 8.49 1.29
C GLU A 79 0.20 7.18 2.11
N LEU A 80 1.48 6.96 2.36
CA LEU A 80 1.86 5.73 3.09
C LEU A 80 1.91 5.96 4.60
N VAL A 81 1.43 4.99 5.36
CA VAL A 81 1.52 5.03 6.84
C VAL A 81 1.90 3.61 7.29
N ALA A 82 2.93 3.48 8.11
CA ALA A 82 3.35 2.18 8.59
C ALA A 82 2.80 1.92 10.00
N GLU A 83 2.70 0.63 10.32
CA GLU A 83 2.21 0.24 11.66
C GLU A 83 3.04 -0.93 12.21
N LEU A 84 3.42 -0.82 13.48
CA LEU A 84 4.13 -1.90 14.15
C LEU A 84 3.68 -1.94 15.60
N GLU A 85 3.25 -3.12 16.04
CA GLU A 85 2.85 -3.33 17.44
CA GLU A 85 2.85 -3.33 17.44
C GLU A 85 1.83 -2.28 17.89
N GLY A 86 0.88 -1.97 17.02
CA GLY A 86 -0.21 -1.10 17.37
C GLY A 86 0.07 0.38 17.29
N ILE A 87 1.26 0.76 16.84
CA ILE A 87 1.63 2.17 16.77
C ILE A 87 1.82 2.52 15.30
N GLN A 88 1.27 3.68 14.94
CA GLN A 88 1.30 4.13 13.53
C GLN A 88 2.31 5.26 13.38
N TYR A 89 2.93 5.30 12.24
CA TYR A 89 4.01 6.22 11.90
C TYR A 89 3.47 6.94 10.68
N GLY A 90 2.98 8.16 10.92
CA GLY A 90 2.17 9.00 10.07
C GLY A 90 0.72 9.11 10.58
N ARG A 91 0.02 10.14 10.12
CA ARG A 91 -1.42 10.22 10.33
C ARG A 91 -2.07 10.57 9.00
N SER A 92 -3.19 9.95 8.69
CA SER A 92 -3.83 10.16 7.40
C SER A 92 -5.29 9.73 7.52
N GLY A 93 -5.98 9.64 6.37
CA GLY A 93 -7.38 9.29 6.32
C GLY A 93 -7.63 7.80 6.28
N GLU A 94 -8.75 7.43 5.67
CA GLU A 94 -9.20 6.05 5.66
C GLU A 94 -8.27 5.11 4.88
N THR A 95 -8.12 3.90 5.39
CA THR A 95 -7.26 2.89 4.73
C THR A 95 -7.89 2.33 3.47
N LEU A 96 -7.18 2.37 2.35
CA LEU A 96 -7.58 1.67 1.14
C LEU A 96 -7.12 0.23 1.12
N GLY A 97 -6.01 -0.02 1.79
CA GLY A 97 -5.55 -1.40 1.90
C GLY A 97 -4.13 -1.47 2.41
N VAL A 98 -3.62 -2.69 2.49
CA VAL A 98 -2.20 -2.91 2.91
CA VAL A 98 -2.20 -2.92 2.90
C VAL A 98 -1.33 -3.31 1.67
N LEU A 99 -0.20 -2.64 1.58
CA LEU A 99 0.68 -2.89 0.40
C LEU A 99 1.57 -4.12 0.64
N VAL A 100 1.81 -4.86 -0.43
CA VAL A 100 2.70 -6.05 -0.35
C VAL A 100 3.49 -6.11 -1.65
N PRO A 101 4.66 -6.77 -1.65
CA PRO A 101 5.32 -7.02 -2.92
C PRO A 101 4.42 -7.80 -3.87
N HIS A 102 4.49 -7.47 -5.15
CA HIS A 102 3.81 -8.23 -6.19
C HIS A 102 4.87 -9.01 -6.96
N VAL A 103 4.73 -10.32 -6.99
CA VAL A 103 5.74 -11.20 -7.66
C VAL A 103 5.03 -12.08 -8.71
N GLY A 104 3.94 -11.59 -9.30
CA GLY A 104 3.30 -12.31 -10.37
C GLY A 104 1.96 -12.89 -10.03
N GLU A 105 1.48 -12.69 -8.82
CA GLU A 105 0.13 -13.18 -8.46
C GLU A 105 -0.93 -12.56 -9.41
N ILE A 106 -2.00 -13.31 -9.67
CA ILE A 106 -3.06 -12.80 -10.52
C ILE A 106 -4.01 -11.96 -9.66
N PRO A 107 -4.24 -10.70 -10.04
CA PRO A 107 -5.10 -9.83 -9.23
C PRO A 107 -6.58 -10.11 -9.50
N VAL A 108 -7.41 -9.57 -8.62
CA VAL A 108 -8.87 -9.61 -8.78
C VAL A 108 -9.43 -8.31 -9.28
N ALA A 109 -8.64 -7.23 -9.29
CA ALA A 109 -9.05 -5.91 -9.72
C ALA A 109 -7.79 -5.06 -9.71
N TYR A 110 -7.94 -3.82 -10.17
CA TYR A 110 -6.90 -2.80 -10.08
C TYR A 110 -7.46 -1.60 -9.35
N ARG A 111 -6.64 -0.93 -8.54
CA ARG A 111 -7.07 0.22 -7.77
C ARG A 111 -6.25 1.42 -8.21
N LYS A 112 -6.91 2.43 -8.75
CA LYS A 112 -6.23 3.62 -9.25
C LYS A 112 -5.97 4.58 -8.09
N VAL A 113 -4.72 5.01 -7.94
CA VAL A 113 -4.36 5.92 -6.86
C VAL A 113 -3.47 7.01 -7.41
N LEU A 114 -3.47 8.13 -6.69
CA LEU A 114 -2.52 9.24 -6.98
C LEU A 114 -1.62 9.27 -5.74
N LEU A 115 -0.42 8.73 -5.83
CA LEU A 115 0.43 8.54 -4.64
C LEU A 115 1.35 9.73 -4.33
N ARG A 116 1.30 10.20 -3.09
CA ARG A 116 2.24 11.27 -2.66
C ARG A 116 3.63 10.63 -2.55
N LYS A 117 4.60 11.12 -3.33
CA LYS A 117 5.93 10.49 -3.42
C LYS A 117 6.61 10.42 -2.05
N ASN A 118 6.19 11.26 -1.10
CA ASN A 118 6.85 11.29 0.23
C ASN A 118 5.86 11.76 1.29
C1 A1H0N B . 14.26 -8.96 -7.71
C2 A1H0N B . 13.20 -9.97 -7.27
C3 A1H0N B . 12.51 -9.57 -5.99
C4 A1H0N B . 11.14 -9.72 -5.82
C5 A1H0N B . 10.52 -9.35 -4.64
C6 A1H0N B . 11.29 -8.81 -3.63
C7 A1H0N B . 12.64 -8.65 -3.77
C8 A1H0N B . 13.25 -9.04 -4.94
N1 A1H0N B . 13.80 -11.34 -7.17
BR1 A1H0N B . 10.44 -8.30 -2.01
#